data_1RD5
#
_entry.id   1RD5
#
_cell.length_a   91.094
_cell.length_b   159.815
_cell.length_c   162.877
_cell.angle_alpha   90.00
_cell.angle_beta   90.00
_cell.angle_gamma   90.00
#
_symmetry.space_group_name_H-M   'F 2 2 2'
#
loop_
_entity.id
_entity.type
_entity.pdbx_description
1 polymer 'Tryptophan synthase alpha chain, chloroplast'
2 non-polymer 'MALONIC ACID'
3 water water
#
_entity_poly.entity_id   1
_entity_poly.type   'polypeptide(L)'
_entity_poly.pdbx_seq_one_letter_code
;MSRPVSDTMAALMAKGKTAFIPYITAGDPDLATTAEALRLLDGCGADVIELGVPCSDPYIDGPIIQASVARALASGTTMD
AVLEMLREVTPELSCPVVLLSYYKPIMFRSLAKMKEAGVHGLIVPDLPYVAAHSLWSEAKNNNLELVLLTTPAIPEDRMK
EITKASEGFVYLVSVNGVTGPRANVNPRVESLIQEVKKVTNKPVAVGFGISKPEHVKQIAQWGADGVIIGSAMVRQLGEA
ASPKQGLRRLEEYARGMKNALG
;
_entity_poly.pdbx_strand_id   A,B
#
loop_
_chem_comp.id
_chem_comp.type
_chem_comp.name
_chem_comp.formula
MLA non-polymer 'MALONIC ACID' 'C3 H4 O4'
#
# COMPACT_ATOMS: atom_id res chain seq x y z
N SER A 2 22.99 -13.83 -14.53
CA SER A 2 23.04 -12.32 -14.59
C SER A 2 23.42 -11.60 -13.23
N ARG A 3 23.77 -10.29 -13.24
CA ARG A 3 24.28 -9.59 -12.02
C ARG A 3 23.09 -8.88 -11.25
N PRO A 4 23.23 -8.56 -9.99
CA PRO A 4 22.27 -7.79 -9.30
C PRO A 4 22.12 -6.56 -10.16
N VAL A 5 20.98 -5.97 -9.95
CA VAL A 5 20.59 -4.70 -10.44
C VAL A 5 21.52 -3.55 -9.98
N SER A 6 21.91 -3.58 -8.72
CA SER A 6 22.74 -2.49 -8.18
C SER A 6 24.10 -2.47 -8.97
N ASP A 7 24.70 -3.63 -9.15
CA ASP A 7 26.01 -3.79 -9.86
C ASP A 7 25.90 -3.37 -11.36
N THR A 8 24.83 -3.74 -12.04
CA THR A 8 24.55 -3.45 -13.39
C THR A 8 24.47 -1.88 -13.57
N MET A 9 23.76 -1.25 -12.66
CA MET A 9 23.60 0.23 -12.61
C MET A 9 24.93 0.99 -12.30
N ALA A 10 25.66 0.47 -11.32
CA ALA A 10 26.91 1.08 -10.91
C ALA A 10 27.87 1.09 -12.05
N ALA A 11 27.85 0.02 -12.87
CA ALA A 11 28.83 -0.12 -13.87
C ALA A 11 28.54 0.86 -15.01
N LEU A 12 27.26 0.99 -15.35
CA LEU A 12 26.85 2.01 -16.37
C LEU A 12 27.20 3.42 -15.92
N MET A 13 26.99 3.71 -14.69
CA MET A 13 27.26 5.06 -14.22
C MET A 13 28.69 5.39 -14.19
N ALA A 14 29.58 4.40 -14.02
CA ALA A 14 31.05 4.65 -13.99
C ALA A 14 31.49 4.86 -15.38
N LYS A 15 30.75 4.32 -16.27
CA LYS A 15 31.16 4.52 -17.63
C LYS A 15 30.50 5.79 -18.29
N GLY A 16 29.69 6.59 -17.55
CA GLY A 16 28.93 7.69 -18.17
C GLY A 16 27.74 7.25 -19.07
N LYS A 17 27.21 6.05 -18.89
CA LYS A 17 26.23 5.50 -19.80
C LYS A 17 24.89 5.45 -19.03
N THR A 18 23.82 5.62 -19.78
CA THR A 18 22.48 5.65 -19.23
C THR A 18 21.81 4.31 -19.59
N ALA A 19 21.22 3.69 -18.61
CA ALA A 19 20.70 2.34 -18.77
C ALA A 19 19.42 2.37 -19.56
N PHE A 20 19.31 1.44 -20.45
CA PHE A 20 18.05 1.21 -21.16
C PHE A 20 17.20 0.12 -20.40
N ILE A 21 16.07 0.53 -19.85
CA ILE A 21 15.25 -0.30 -19.01
C ILE A 21 13.84 -0.47 -19.60
N PRO A 22 13.65 -1.39 -20.52
CA PRO A 22 12.29 -1.64 -21.03
C PRO A 22 11.38 -2.13 -19.91
N TYR A 23 10.06 -1.79 -20.00
CA TYR A 23 8.99 -2.36 -19.12
C TYR A 23 7.91 -3.02 -20.00
N ILE A 24 7.64 -4.32 -19.84
CA ILE A 24 6.51 -4.97 -20.42
C ILE A 24 5.70 -5.71 -19.31
N THR A 25 4.44 -5.96 -19.61
CA THR A 25 3.56 -6.68 -18.69
C THR A 25 3.53 -8.08 -19.02
N ALA A 26 3.71 -8.94 -18.05
CA ALA A 26 3.79 -10.42 -18.24
C ALA A 26 2.39 -10.89 -18.63
N GLY A 27 2.29 -11.72 -19.63
CA GLY A 27 1.00 -12.26 -20.06
C GLY A 27 0.24 -11.52 -21.16
N ASP A 28 0.79 -10.39 -21.59
CA ASP A 28 0.19 -9.63 -22.69
C ASP A 28 1.03 -9.70 -23.93
N PRO A 29 0.54 -10.38 -24.93
CA PRO A 29 -0.76 -11.04 -25.01
C PRO A 29 -0.81 -12.47 -24.40
N ASP A 30 0.35 -13.12 -24.12
CA ASP A 30 0.35 -14.43 -23.48
C ASP A 30 1.73 -14.64 -22.97
N LEU A 31 1.93 -15.56 -22.05
CA LEU A 31 3.29 -15.78 -21.48
C LEU A 31 4.34 -16.32 -22.39
N ALA A 32 4.01 -17.12 -23.41
CA ALA A 32 4.97 -17.61 -24.40
C ALA A 32 5.50 -16.37 -25.18
N THR A 33 4.69 -15.47 -25.54
CA THR A 33 5.08 -14.25 -26.20
C THR A 33 5.90 -13.37 -25.27
N THR A 34 5.58 -13.31 -23.98
CA THR A 34 6.37 -12.55 -22.99
C THR A 34 7.80 -13.10 -22.92
N ALA A 35 7.96 -14.41 -22.72
CA ALA A 35 9.27 -15.10 -22.85
C ALA A 35 10.09 -14.61 -24.12
N GLU A 36 9.48 -14.72 -25.31
CA GLU A 36 10.18 -14.35 -26.52
C GLU A 36 10.52 -12.81 -26.48
N ALA A 37 9.66 -12.00 -25.97
CA ALA A 37 9.90 -10.57 -25.80
C ALA A 37 11.12 -10.27 -24.91
N LEU A 38 11.18 -10.94 -23.78
CA LEU A 38 12.28 -10.87 -22.81
C LEU A 38 13.65 -11.21 -23.57
N ARG A 39 13.68 -12.28 -24.35
CA ARG A 39 14.89 -12.68 -25.10
C ARG A 39 15.24 -11.65 -26.16
N LEU A 40 14.23 -11.08 -26.84
CA LEU A 40 14.49 -10.09 -27.88
C LEU A 40 15.02 -8.78 -27.26
N LEU A 41 14.46 -8.46 -26.11
CA LEU A 41 14.84 -7.20 -25.40
C LEU A 41 16.29 -7.27 -24.93
N ASP A 42 16.63 -8.39 -24.40
CA ASP A 42 17.98 -8.71 -24.09
C ASP A 42 18.92 -8.62 -25.32
N GLY A 43 18.54 -9.22 -26.40
CA GLY A 43 19.38 -9.17 -27.59
C GLY A 43 19.44 -7.70 -28.12
N CYS A 44 18.48 -6.82 -27.89
CA CYS A 44 18.56 -5.44 -28.35
C CYS A 44 19.36 -4.62 -27.37
N GLY A 45 19.93 -5.21 -26.34
CA GLY A 45 20.81 -4.48 -25.45
C GLY A 45 20.10 -3.85 -24.22
N ALA A 46 18.99 -4.41 -23.76
CA ALA A 46 18.38 -3.97 -22.55
C ALA A 46 19.35 -4.20 -21.35
N ASP A 47 19.54 -3.19 -20.48
CA ASP A 47 20.54 -3.35 -19.37
C ASP A 47 19.85 -4.06 -18.17
N VAL A 48 18.57 -3.72 -17.97
CA VAL A 48 17.70 -4.24 -16.89
C VAL A 48 16.33 -4.37 -17.55
N ILE A 49 15.53 -5.36 -17.21
CA ILE A 49 14.13 -5.44 -17.73
C ILE A 49 13.21 -5.40 -16.55
N GLU A 50 12.24 -4.48 -16.57
CA GLU A 50 11.15 -4.52 -15.62
C GLU A 50 9.96 -5.30 -16.14
N LEU A 51 9.41 -6.22 -15.33
CA LEU A 51 8.41 -7.11 -15.76
C LEU A 51 7.21 -6.96 -14.78
N GLY A 52 6.07 -6.54 -15.31
CA GLY A 52 4.84 -6.42 -14.50
C GLY A 52 3.98 -7.63 -14.35
N VAL A 53 3.63 -7.95 -13.11
CA VAL A 53 2.59 -8.93 -12.73
C VAL A 53 1.30 -8.23 -12.67
N PRO A 54 0.42 -8.68 -13.53
CA PRO A 54 -0.93 -8.17 -13.57
C PRO A 54 -1.72 -8.40 -12.28
N CYS A 55 -2.43 -7.34 -11.91
CA CYS A 55 -3.38 -7.37 -10.84
C CYS A 55 -4.67 -6.64 -11.16
N SER A 56 -5.67 -6.71 -10.27
CA SER A 56 -6.96 -6.21 -10.65
C SER A 56 -7.00 -4.67 -10.48
N ASP A 57 -6.09 -4.02 -9.78
CA ASP A 57 -6.20 -2.53 -9.73
C ASP A 57 -4.84 -1.76 -9.85
N PRO A 58 -4.25 -1.69 -11.02
CA PRO A 58 -2.88 -1.12 -11.13
C PRO A 58 -2.96 0.41 -11.36
N TYR A 59 -3.52 1.03 -10.33
CA TYR A 59 -3.77 2.46 -10.32
C TYR A 59 -2.63 3.46 -10.42
N ILE A 60 -1.39 3.09 -10.25
CA ILE A 60 -0.29 4.00 -10.38
C ILE A 60 0.24 4.04 -11.89
N ASP A 61 -0.21 3.03 -12.67
CA ASP A 61 0.26 2.94 -14.00
C ASP A 61 -0.60 3.85 -14.88
N GLY A 62 0.04 4.27 -15.98
CA GLY A 62 -0.66 4.95 -17.04
C GLY A 62 -1.67 4.00 -17.76
N PRO A 63 -2.50 4.59 -18.65
CA PRO A 63 -3.63 3.87 -19.25
C PRO A 63 -3.18 2.81 -20.22
N ILE A 64 -2.08 2.99 -20.93
CA ILE A 64 -1.60 1.95 -21.82
C ILE A 64 -1.23 0.67 -21.11
N ILE A 65 -0.48 0.85 -20.05
CA ILE A 65 -0.11 -0.22 -19.12
C ILE A 65 -1.32 -0.73 -18.37
N GLN A 66 -2.27 0.07 -17.90
CA GLN A 66 -3.44 -0.47 -17.24
C GLN A 66 -4.24 -1.42 -18.24
N ALA A 67 -4.37 -1.02 -19.48
CA ALA A 67 -5.07 -1.79 -20.47
C ALA A 67 -4.27 -3.08 -20.77
N SER A 68 -2.97 -3.05 -20.76
CA SER A 68 -2.20 -4.26 -20.91
C SER A 68 -2.39 -5.18 -19.77
N VAL A 69 -2.36 -4.67 -18.54
CA VAL A 69 -2.63 -5.46 -17.32
C VAL A 69 -4.02 -6.17 -17.40
N ALA A 70 -5.07 -5.42 -17.87
CA ALA A 70 -6.34 -6.03 -18.05
C ALA A 70 -6.33 -7.12 -19.06
N ARG A 71 -5.68 -6.95 -20.18
CA ARG A 71 -5.53 -8.00 -21.14
C ARG A 71 -4.79 -9.21 -20.51
N ALA A 72 -3.78 -8.99 -19.70
CA ALA A 72 -3.00 -10.11 -19.11
C ALA A 72 -3.85 -10.86 -18.07
N LEU A 73 -4.73 -10.17 -17.36
CA LEU A 73 -5.67 -10.86 -16.51
C LEU A 73 -6.71 -11.60 -17.22
N ALA A 74 -7.16 -11.10 -18.34
CA ALA A 74 -8.01 -11.94 -19.21
C ALA A 74 -7.37 -13.13 -19.95
N SER A 75 -6.04 -13.20 -20.04
CA SER A 75 -5.37 -14.33 -20.59
C SER A 75 -5.17 -15.39 -19.41
N GLY A 76 -5.71 -15.06 -18.22
CA GLY A 76 -5.71 -15.90 -17.05
C GLY A 76 -4.32 -15.92 -16.39
N THR A 77 -3.54 -14.87 -16.58
CA THR A 77 -2.17 -14.88 -16.08
C THR A 77 -2.23 -14.69 -14.47
N THR A 78 -1.37 -15.46 -13.74
CA THR A 78 -1.22 -15.44 -12.27
C THR A 78 0.28 -15.30 -11.88
N MET A 79 0.49 -14.93 -10.62
CA MET A 79 1.87 -14.76 -10.08
C MET A 79 2.65 -16.09 -10.33
N ASP A 80 2.02 -17.19 -10.06
CA ASP A 80 2.66 -18.46 -10.21
C ASP A 80 3.07 -18.86 -11.63
N ALA A 81 2.20 -18.46 -12.55
CA ALA A 81 2.49 -18.77 -13.93
C ALA A 81 3.64 -17.84 -14.49
N VAL A 82 3.71 -16.59 -14.01
CA VAL A 82 4.79 -15.69 -14.30
C VAL A 82 6.14 -16.19 -13.75
N LEU A 83 6.14 -16.68 -12.51
CA LEU A 83 7.33 -17.27 -11.93
C LEU A 83 7.77 -18.56 -12.66
N GLU A 84 6.82 -19.36 -13.05
CA GLU A 84 7.20 -20.60 -13.79
C GLU A 84 7.92 -20.24 -15.14
N MET A 85 7.46 -19.19 -15.80
CA MET A 85 8.03 -18.78 -17.06
C MET A 85 9.43 -18.22 -16.87
N LEU A 86 9.58 -17.41 -15.84
CA LEU A 86 10.88 -16.80 -15.51
C LEU A 86 11.89 -17.88 -15.18
N ARG A 87 11.49 -18.89 -14.47
CA ARG A 87 12.36 -19.94 -14.05
C ARG A 87 12.99 -20.61 -15.34
N GLU A 88 12.26 -20.69 -16.45
CA GLU A 88 12.76 -21.23 -17.75
C GLU A 88 13.59 -20.16 -18.48
N VAL A 89 13.18 -18.89 -18.38
CA VAL A 89 13.75 -17.87 -19.24
C VAL A 89 14.96 -17.10 -18.67
N THR A 90 14.92 -16.73 -17.38
CA THR A 90 16.02 -16.15 -16.75
C THR A 90 17.47 -16.70 -17.04
N PRO A 91 17.71 -18.00 -17.06
CA PRO A 91 19.09 -18.51 -17.31
C PRO A 91 19.60 -18.12 -18.73
N GLU A 92 18.73 -17.82 -19.68
CA GLU A 92 19.02 -17.44 -21.07
C GLU A 92 19.23 -15.94 -21.18
N LEU A 93 18.77 -15.12 -20.27
CA LEU A 93 18.92 -13.62 -20.31
C LEU A 93 20.27 -13.24 -19.67
N SER A 94 20.99 -12.37 -20.35
CA SER A 94 22.24 -11.76 -19.86
C SER A 94 22.02 -10.59 -18.88
N CYS A 95 20.83 -10.03 -18.89
CA CYS A 95 20.53 -8.89 -18.04
C CYS A 95 19.52 -9.31 -16.86
N PRO A 96 19.49 -8.59 -15.75
CA PRO A 96 18.60 -8.90 -14.62
C PRO A 96 17.14 -8.49 -14.89
N VAL A 97 16.16 -9.26 -14.36
CA VAL A 97 14.81 -8.89 -14.26
C VAL A 97 14.40 -8.35 -12.90
N VAL A 98 13.67 -7.29 -12.94
CA VAL A 98 13.07 -6.68 -11.81
C VAL A 98 11.54 -6.89 -11.95
N LEU A 99 10.91 -7.65 -11.03
CA LEU A 99 9.52 -7.88 -11.02
C LEU A 99 8.76 -6.70 -10.37
N LEU A 100 7.74 -6.21 -11.03
CA LEU A 100 6.88 -5.25 -10.44
C LEU A 100 5.56 -5.90 -10.03
N SER A 101 5.11 -5.70 -8.77
CA SER A 101 3.81 -6.19 -8.35
C SER A 101 3.25 -5.27 -7.33
N TYR A 102 1.93 -5.11 -7.34
CA TYR A 102 1.25 -4.38 -6.26
C TYR A 102 1.29 -5.23 -4.98
N TYR A 103 1.06 -4.62 -3.82
CA TYR A 103 1.32 -5.32 -2.56
C TYR A 103 0.36 -6.44 -2.23
N LYS A 104 -0.90 -6.23 -2.45
CA LYS A 104 -1.81 -7.37 -1.97
C LYS A 104 -1.43 -8.85 -2.51
N PRO A 105 -1.17 -9.08 -3.83
CA PRO A 105 -0.72 -10.41 -4.33
C PRO A 105 0.53 -10.96 -3.63
N ILE A 106 1.38 -10.11 -3.00
CA ILE A 106 2.66 -10.56 -2.37
C ILE A 106 2.67 -10.54 -0.81
N MET A 107 1.68 -9.75 -0.27
CA MET A 107 1.32 -9.65 1.18
C MET A 107 1.24 -11.02 1.93
N PHE A 108 0.59 -12.01 1.23
CA PHE A 108 0.75 -13.45 1.48
C PHE A 108 2.08 -14.22 1.02
N ARG A 109 2.85 -13.79 0.01
CA ARG A 109 4.16 -14.45 -0.15
C ARG A 109 5.37 -14.02 0.81
N SER A 110 5.95 -15.14 1.27
CA SER A 110 7.41 -15.36 1.12
C SER A 110 7.94 -15.23 -0.36
N LEU A 111 9.12 -14.61 -0.43
CA LEU A 111 9.71 -14.18 -1.67
C LEU A 111 10.77 -15.22 -2.16
N ALA A 112 10.91 -16.30 -1.39
CA ALA A 112 11.72 -17.52 -1.79
C ALA A 112 11.51 -18.00 -3.25
N LYS A 113 10.27 -17.99 -3.74
CA LYS A 113 9.92 -18.54 -5.06
C LYS A 113 10.25 -17.56 -6.16
N MET A 114 10.25 -16.26 -5.86
CA MET A 114 10.72 -15.31 -6.92
C MET A 114 12.26 -15.45 -7.05
N LYS A 115 13.01 -15.52 -5.95
CA LYS A 115 14.42 -15.78 -6.04
C LYS A 115 14.82 -17.03 -6.80
N GLU A 116 14.14 -18.11 -6.47
CA GLU A 116 14.33 -19.36 -7.13
C GLU A 116 14.05 -19.23 -8.65
N ALA A 117 13.18 -18.35 -9.07
CA ALA A 117 12.83 -18.25 -10.46
C ALA A 117 13.81 -17.29 -11.22
N GLY A 118 14.77 -16.67 -10.51
CA GLY A 118 15.89 -15.93 -11.13
C GLY A 118 15.64 -14.42 -11.14
N VAL A 119 14.56 -14.00 -10.45
CA VAL A 119 14.26 -12.55 -10.28
C VAL A 119 15.35 -11.96 -9.39
N HIS A 120 15.82 -10.76 -9.76
CA HIS A 120 16.81 -10.05 -8.92
C HIS A 120 16.26 -8.91 -8.06
N GLY A 121 15.31 -8.18 -8.60
CA GLY A 121 14.77 -7.01 -7.92
C GLY A 121 13.24 -7.11 -7.87
N LEU A 122 12.67 -6.23 -7.05
CA LEU A 122 11.20 -6.17 -6.86
C LEU A 122 10.82 -4.73 -6.60
N ILE A 123 9.77 -4.31 -7.22
CA ILE A 123 9.19 -2.96 -7.14
C ILE A 123 7.70 -3.12 -6.75
N VAL A 124 7.28 -2.52 -5.58
CA VAL A 124 5.95 -2.69 -5.10
C VAL A 124 5.40 -1.22 -5.02
N PRO A 125 4.76 -0.82 -6.05
CA PRO A 125 4.45 0.62 -6.24
C PRO A 125 3.59 1.20 -5.10
N ASP A 126 2.58 0.41 -4.65
CA ASP A 126 1.65 0.80 -3.55
C ASP A 126 2.08 0.21 -2.15
N LEU A 127 3.39 -0.02 -1.95
CA LEU A 127 3.83 -0.65 -0.72
C LEU A 127 3.35 0.15 0.46
N PRO A 128 2.68 -0.45 1.40
CA PRO A 128 2.26 0.27 2.61
C PRO A 128 3.42 0.80 3.44
N TYR A 129 3.27 2.01 4.04
CA TYR A 129 4.33 2.56 4.95
C TYR A 129 4.55 1.58 6.15
N VAL A 130 3.43 0.98 6.65
CA VAL A 130 3.42 0.01 7.75
C VAL A 130 4.18 -1.32 7.50
N ALA A 131 4.29 -1.68 6.27
CA ALA A 131 4.88 -2.90 5.87
C ALA A 131 6.23 -2.74 5.21
N ALA A 132 6.69 -1.54 4.88
CA ALA A 132 7.82 -1.37 4.01
C ALA A 132 9.16 -2.04 4.65
N HIS A 133 9.44 -1.76 5.90
CA HIS A 133 10.56 -2.41 6.56
C HIS A 133 10.51 -3.99 6.64
N SER A 134 9.35 -4.63 7.01
CA SER A 134 9.12 -6.05 7.00
C SER A 134 9.41 -6.58 5.59
N LEU A 135 8.92 -5.94 4.53
CA LEU A 135 9.22 -6.41 3.18
C LEU A 135 10.71 -6.24 2.75
N TRP A 136 11.33 -5.12 3.14
CA TRP A 136 12.76 -4.91 2.92
C TRP A 136 13.59 -6.00 3.54
N SER A 137 13.26 -6.40 4.75
CA SER A 137 13.96 -7.45 5.53
C SER A 137 13.79 -8.83 4.84
N GLU A 138 12.57 -9.14 4.41
CA GLU A 138 12.30 -10.37 3.74
C GLU A 138 13.03 -10.47 2.34
N ALA A 139 13.14 -9.34 1.66
CA ALA A 139 13.76 -9.26 0.38
C ALA A 139 15.27 -9.47 0.61
N LYS A 140 15.85 -8.77 1.56
CA LYS A 140 17.20 -8.99 1.99
C LYS A 140 17.51 -10.55 2.27
N ASN A 141 16.71 -11.17 3.10
CA ASN A 141 16.81 -12.54 3.52
C ASN A 141 16.70 -13.51 2.34
N ASN A 142 16.10 -13.09 1.18
CA ASN A 142 16.06 -13.82 -0.04
C ASN A 142 16.97 -13.34 -1.11
N ASN A 143 17.91 -12.44 -0.83
CA ASN A 143 18.86 -12.00 -1.84
C ASN A 143 18.21 -11.27 -3.03
N LEU A 144 17.15 -10.57 -2.74
CA LEU A 144 16.48 -9.78 -3.74
C LEU A 144 16.66 -8.26 -3.32
N GLU A 145 16.83 -7.37 -4.30
CA GLU A 145 16.89 -5.92 -4.03
C GLU A 145 15.48 -5.32 -4.18
N LEU A 146 15.01 -4.59 -3.18
CA LEU A 146 13.68 -3.94 -3.13
C LEU A 146 13.94 -2.52 -3.65
N VAL A 147 13.56 -2.33 -4.89
CA VAL A 147 13.64 -1.07 -5.54
C VAL A 147 12.45 -0.15 -5.12
N LEU A 148 12.70 1.07 -4.62
CA LEU A 148 11.61 1.90 -4.17
C LEU A 148 11.23 3.03 -5.16
N LEU A 149 9.91 3.34 -5.33
CA LEU A 149 9.48 4.60 -5.97
C LEU A 149 9.68 5.80 -5.15
N THR A 150 10.01 6.88 -5.82
CA THR A 150 9.72 8.20 -5.26
C THR A 150 9.01 9.04 -6.38
N THR A 151 8.27 10.03 -5.96
CA THR A 151 7.45 10.85 -6.89
C THR A 151 7.61 12.28 -6.52
N PRO A 152 7.21 13.12 -7.40
CA PRO A 152 7.33 14.55 -7.08
C PRO A 152 6.43 15.00 -5.93
N ALA A 153 5.43 14.25 -5.55
CA ALA A 153 4.63 14.53 -4.34
C ALA A 153 5.28 14.26 -2.97
N ILE A 154 6.36 13.49 -2.91
CA ILE A 154 6.90 13.09 -1.61
C ILE A 154 7.75 14.24 -1.15
N PRO A 155 7.56 14.75 0.07
CA PRO A 155 8.42 15.81 0.53
C PRO A 155 9.94 15.39 0.49
N GLU A 156 10.81 16.40 0.37
CA GLU A 156 12.26 16.24 0.41
C GLU A 156 12.84 15.35 1.53
N ASP A 157 12.54 15.60 2.78
CA ASP A 157 13.05 14.73 3.88
C ASP A 157 12.62 13.27 3.78
N ARG A 158 11.39 13.01 3.30
CA ARG A 158 11.06 11.60 3.21
C ARG A 158 11.81 10.98 1.96
N MET A 159 11.87 11.80 0.89
CA MET A 159 12.56 11.38 -0.37
C MET A 159 14.01 10.89 -0.02
N LYS A 160 14.66 11.60 0.87
CA LYS A 160 16.01 11.24 1.32
C LYS A 160 16.05 9.91 2.04
N GLU A 161 15.09 9.71 3.01
CA GLU A 161 14.87 8.35 3.66
C GLU A 161 14.66 7.24 2.61
N ILE A 162 13.87 7.54 1.58
CA ILE A 162 13.69 6.57 0.52
C ILE A 162 14.94 6.22 -0.19
N THR A 163 15.70 7.25 -0.61
CA THR A 163 16.88 6.98 -1.33
C THR A 163 17.83 6.09 -0.51
N LYS A 164 17.93 6.33 0.78
CA LYS A 164 18.74 5.50 1.68
C LYS A 164 18.31 4.05 1.81
N ALA A 165 17.00 3.81 1.83
CA ALA A 165 16.46 2.45 1.94
C ALA A 165 16.44 1.70 0.61
N SER A 166 16.38 2.40 -0.51
CA SER A 166 16.23 1.74 -1.74
C SER A 166 17.43 0.90 -2.10
N GLU A 167 17.16 -0.16 -2.85
CA GLU A 167 18.26 -0.96 -3.41
C GLU A 167 18.03 -1.09 -4.90
N GLY A 168 19.13 -1.34 -5.57
CA GLY A 168 19.21 -1.55 -7.03
C GLY A 168 19.27 -0.21 -7.76
N PHE A 169 18.15 0.56 -7.75
CA PHE A 169 18.19 2.00 -8.10
C PHE A 169 17.03 2.71 -7.34
N VAL A 170 17.05 4.00 -7.37
CA VAL A 170 15.93 4.78 -6.97
C VAL A 170 15.05 5.01 -8.18
N TYR A 171 13.78 4.71 -8.06
CA TYR A 171 12.91 4.83 -9.21
C TYR A 171 11.99 6.06 -9.18
N LEU A 172 12.30 7.10 -9.99
CA LEU A 172 11.53 8.33 -9.97
C LEU A 172 10.40 8.22 -10.94
N VAL A 173 9.13 8.22 -10.45
CA VAL A 173 8.05 8.18 -11.33
C VAL A 173 7.05 9.31 -11.10
N SER A 174 6.04 9.39 -11.98
CA SER A 174 4.82 10.23 -11.77
C SER A 174 3.53 9.66 -12.38
N VAL A 175 2.43 9.94 -11.73
CA VAL A 175 1.14 9.52 -12.17
C VAL A 175 0.62 10.61 -13.07
N ASN A 176 1.27 11.77 -13.05
CA ASN A 176 0.95 12.91 -13.87
C ASN A 176 1.79 12.92 -15.19
N GLY A 177 1.13 13.19 -16.31
CA GLY A 177 1.84 13.31 -17.59
C GLY A 177 2.81 14.58 -17.46
N VAL A 178 3.98 14.46 -18.11
CA VAL A 178 5.04 15.48 -18.14
C VAL A 178 5.39 15.99 -19.51
N THR A 179 4.65 15.69 -20.56
CA THR A 179 4.84 16.37 -21.87
C THR A 179 3.57 17.14 -22.16
N GLY A 180 3.73 18.25 -22.90
CA GLY A 180 2.79 19.35 -23.18
C GLY A 180 2.18 19.18 -24.58
N PRO A 181 1.27 20.02 -24.95
CA PRO A 181 0.59 19.92 -26.24
C PRO A 181 1.43 20.26 -27.55
N ARG A 182 2.48 21.09 -27.44
CA ARG A 182 3.40 21.23 -28.59
C ARG A 182 4.52 20.15 -28.57
N ALA A 183 4.25 19.02 -27.92
CA ALA A 183 5.11 17.89 -27.87
C ALA A 183 6.56 18.12 -27.32
N ASN A 184 6.71 19.05 -26.38
CA ASN A 184 7.95 19.20 -25.56
C ASN A 184 7.88 18.53 -24.16
N VAL A 185 9.04 18.09 -23.63
CA VAL A 185 9.12 17.59 -22.26
C VAL A 185 8.98 18.84 -21.46
N ASN A 186 8.23 18.78 -20.36
CA ASN A 186 8.03 20.00 -19.51
C ASN A 186 9.45 20.27 -18.82
N PRO A 187 9.94 21.50 -18.80
CA PRO A 187 11.25 21.87 -18.16
C PRO A 187 11.37 21.58 -16.67
N ARG A 188 10.25 21.55 -15.93
CA ARG A 188 10.23 21.17 -14.50
C ARG A 188 10.73 19.77 -14.40
N VAL A 189 10.63 18.91 -15.42
CA VAL A 189 11.27 17.56 -15.20
C VAL A 189 12.79 17.56 -14.90
N GLU A 190 13.50 18.50 -15.47
CA GLU A 190 14.96 18.59 -15.29
C GLU A 190 15.29 18.83 -13.80
N SER A 191 14.47 19.60 -13.10
CA SER A 191 14.64 19.92 -11.66
C SER A 191 14.25 18.67 -10.86
N LEU A 192 13.21 18.02 -11.28
CA LEU A 192 12.71 16.82 -10.57
C LEU A 192 13.80 15.76 -10.50
N ILE A 193 14.48 15.49 -11.58
CA ILE A 193 15.58 14.52 -11.57
C ILE A 193 16.69 15.14 -10.68
N GLN A 194 17.03 16.36 -10.89
CA GLN A 194 18.23 16.87 -10.18
C GLN A 194 17.96 16.94 -8.60
N GLU A 195 16.74 17.13 -8.18
CA GLU A 195 16.47 17.17 -6.72
C GLU A 195 16.82 15.82 -6.09
N VAL A 196 16.60 14.77 -6.84
CA VAL A 196 16.79 13.43 -6.26
C VAL A 196 18.39 13.17 -6.39
N LYS A 197 19.08 13.43 -7.54
CA LYS A 197 20.55 13.22 -7.67
C LYS A 197 21.36 13.92 -6.62
N LYS A 198 20.85 15.11 -6.23
CA LYS A 198 21.54 15.99 -5.20
C LYS A 198 21.70 15.27 -3.82
N VAL A 199 20.77 14.35 -3.44
CA VAL A 199 20.86 13.79 -2.12
C VAL A 199 21.38 12.38 -2.08
N THR A 200 21.65 11.78 -3.24
CA THR A 200 22.05 10.41 -3.18
C THR A 200 23.18 10.06 -4.19
N ASN A 201 23.93 8.99 -3.87
CA ASN A 201 24.87 8.52 -4.85
C ASN A 201 24.32 7.36 -5.53
N LYS A 202 23.08 6.98 -5.18
CA LYS A 202 22.51 5.84 -5.82
C LYS A 202 22.11 6.20 -7.28
N PRO A 203 22.02 5.19 -8.14
CA PRO A 203 21.49 5.40 -9.52
C PRO A 203 20.03 5.79 -9.44
N VAL A 204 19.70 6.86 -10.12
CA VAL A 204 18.33 7.34 -10.19
C VAL A 204 17.86 6.96 -11.61
N ALA A 205 16.90 6.07 -11.76
CA ALA A 205 16.19 5.74 -13.01
C ALA A 205 14.86 6.43 -13.11
N VAL A 206 14.49 6.93 -14.31
CA VAL A 206 13.40 7.92 -14.43
C VAL A 206 12.35 7.20 -15.36
N GLY A 207 11.13 7.05 -14.82
CA GLY A 207 10.00 6.44 -15.51
C GLY A 207 8.89 7.46 -15.73
N PHE A 208 9.04 8.43 -16.62
CA PHE A 208 8.03 9.44 -16.81
C PHE A 208 7.12 9.26 -18.07
N GLY A 209 7.14 8.12 -18.72
CA GLY A 209 6.21 7.95 -19.81
C GLY A 209 6.79 8.53 -21.13
N ILE A 210 8.11 8.59 -21.32
CA ILE A 210 8.67 9.35 -22.43
C ILE A 210 9.09 8.35 -23.49
N SER A 211 8.67 8.54 -24.73
CA SER A 211 8.98 7.54 -25.78
C SER A 211 9.71 7.97 -26.98
N LYS A 212 9.73 9.24 -27.31
CA LYS A 212 10.42 9.68 -28.52
C LYS A 212 11.97 9.70 -28.30
N PRO A 213 12.78 9.18 -29.24
CA PRO A 213 14.23 9.19 -29.13
C PRO A 213 14.83 10.61 -28.81
N GLU A 214 14.48 11.75 -29.39
CA GLU A 214 15.04 13.03 -28.98
C GLU A 214 14.70 13.33 -27.45
N HIS A 215 13.48 13.01 -27.01
CA HIS A 215 13.01 13.21 -25.65
C HIS A 215 13.78 12.28 -24.66
N VAL A 216 13.95 11.00 -25.01
CA VAL A 216 14.69 10.09 -24.19
C VAL A 216 16.08 10.55 -24.06
N LYS A 217 16.65 11.12 -25.09
CA LYS A 217 18.07 11.59 -25.04
C LYS A 217 18.14 12.73 -24.02
N GLN A 218 17.13 13.60 -24.04
CA GLN A 218 17.14 14.77 -23.13
C GLN A 218 17.01 14.36 -21.63
N ILE A 219 16.26 13.37 -21.31
CA ILE A 219 16.09 12.88 -19.92
C ILE A 219 17.46 12.37 -19.46
N ALA A 220 18.12 11.57 -20.30
CA ALA A 220 19.56 11.17 -20.07
C ALA A 220 20.49 12.31 -19.88
N GLN A 221 20.46 13.27 -20.78
CA GLN A 221 21.32 14.44 -20.69
C GLN A 221 21.07 15.29 -19.45
N TRP A 222 19.81 15.28 -18.99
CA TRP A 222 19.47 15.91 -17.66
C TRP A 222 19.91 15.09 -16.44
N GLY A 223 20.55 13.97 -16.63
CA GLY A 223 21.29 13.27 -15.54
C GLY A 223 20.59 11.97 -15.08
N ALA A 224 19.56 11.49 -15.76
CA ALA A 224 19.04 10.18 -15.35
C ALA A 224 20.20 9.08 -15.61
N ASP A 225 20.34 8.13 -14.68
CA ASP A 225 21.26 6.99 -14.83
C ASP A 225 20.63 5.81 -15.58
N GLY A 226 19.28 5.88 -15.72
CA GLY A 226 18.47 4.89 -16.44
C GLY A 226 17.13 5.56 -16.83
N VAL A 227 16.60 5.11 -17.97
CA VAL A 227 15.30 5.50 -18.50
C VAL A 227 14.46 4.29 -18.70
N ILE A 228 13.36 4.22 -17.97
CA ILE A 228 12.35 3.15 -18.15
C ILE A 228 11.37 3.52 -19.30
N ILE A 229 11.31 2.69 -20.32
CA ILE A 229 10.45 2.88 -21.44
C ILE A 229 9.34 1.80 -21.35
N GLY A 230 8.15 2.18 -21.00
CA GLY A 230 7.03 1.28 -20.64
C GLY A 230 5.89 1.28 -21.63
N SER A 231 5.17 2.41 -21.58
CA SER A 231 3.96 2.61 -22.38
C SER A 231 4.24 2.29 -23.86
N ALA A 232 5.34 2.82 -24.39
CA ALA A 232 5.56 2.68 -25.81
C ALA A 232 5.98 1.24 -26.16
N MET A 233 6.67 0.59 -25.23
CA MET A 233 7.07 -0.80 -25.47
C MET A 233 5.81 -1.70 -25.44
N VAL A 234 4.87 -1.46 -24.46
CA VAL A 234 3.70 -2.28 -24.25
C VAL A 234 2.81 -2.04 -25.46
N ARG A 235 2.77 -0.79 -25.93
CA ARG A 235 1.99 -0.53 -27.18
C ARG A 235 2.48 -1.36 -28.46
N GLN A 236 3.76 -1.31 -28.67
CA GLN A 236 4.36 -1.94 -29.82
C GLN A 236 4.07 -3.44 -29.74
N LEU A 237 4.26 -3.99 -28.60
CA LEU A 237 4.10 -5.45 -28.38
C LEU A 237 2.66 -5.91 -28.33
N GLY A 238 1.83 -5.21 -27.59
CA GLY A 238 0.47 -5.71 -27.18
C GLY A 238 -0.65 -5.01 -27.84
N GLU A 239 -0.41 -3.87 -28.53
CA GLU A 239 -1.43 -3.30 -29.50
C GLU A 239 -1.32 -3.61 -30.94
N ALA A 240 -0.51 -4.60 -31.28
CA ALA A 240 -0.26 -5.01 -32.68
C ALA A 240 -1.35 -5.94 -33.22
N ALA A 241 -1.26 -6.33 -34.47
CA ALA A 241 -2.27 -7.21 -35.04
C ALA A 241 -2.20 -8.74 -34.56
N SER A 242 -1.01 -9.16 -34.10
CA SER A 242 -0.63 -10.53 -33.75
C SER A 242 0.62 -10.47 -32.88
N PRO A 243 0.90 -11.57 -32.14
CA PRO A 243 2.10 -11.72 -31.34
C PRO A 243 3.34 -11.57 -32.24
N LYS A 244 3.30 -12.15 -33.44
CA LYS A 244 4.49 -12.09 -34.33
C LYS A 244 4.75 -10.59 -34.72
N GLN A 245 3.73 -9.86 -35.09
CA GLN A 245 3.87 -8.46 -35.48
C GLN A 245 4.29 -7.61 -34.29
N GLY A 246 3.72 -7.86 -33.12
CA GLY A 246 4.12 -7.27 -31.82
C GLY A 246 5.57 -7.45 -31.57
N LEU A 247 6.09 -8.66 -31.69
CA LEU A 247 7.48 -8.85 -31.48
C LEU A 247 8.46 -8.11 -32.52
N ARG A 248 8.08 -8.12 -33.82
CA ARG A 248 8.79 -7.44 -34.91
C ARG A 248 8.74 -5.90 -34.54
N ARG A 249 7.60 -5.41 -34.10
CA ARG A 249 7.51 -4.00 -33.79
C ARG A 249 8.26 -3.64 -32.54
N LEU A 250 8.26 -4.52 -31.54
CA LEU A 250 8.98 -4.34 -30.30
C LEU A 250 10.49 -4.30 -30.54
N GLU A 251 10.98 -5.19 -31.38
CA GLU A 251 12.44 -5.24 -31.65
C GLU A 251 12.86 -3.95 -32.40
N GLU A 252 12.11 -3.58 -33.37
CA GLU A 252 12.53 -2.32 -34.13
C GLU A 252 12.59 -1.06 -33.20
N TYR A 253 11.51 -0.95 -32.42
CA TYR A 253 11.45 0.10 -31.43
C TYR A 253 12.57 0.10 -30.40
N ALA A 254 12.83 -1.05 -29.78
CA ALA A 254 13.82 -1.16 -28.84
C ALA A 254 15.26 -0.85 -29.43
N ARG A 255 15.61 -1.37 -30.58
CA ARG A 255 16.87 -0.98 -31.31
C ARG A 255 17.01 0.57 -31.42
N GLY A 256 15.91 1.23 -31.81
CA GLY A 256 15.86 2.66 -31.92
C GLY A 256 16.07 3.23 -30.53
N MET A 257 15.50 2.65 -29.43
CA MET A 257 15.73 3.32 -28.13
C MET A 257 17.19 3.08 -27.57
N LYS A 258 17.74 1.93 -27.93
CA LYS A 258 19.06 1.56 -27.58
C LYS A 258 20.04 2.49 -28.29
N ASN A 259 19.84 2.68 -29.58
CA ASN A 259 20.56 3.66 -30.36
C ASN A 259 20.43 5.11 -29.74
N ALA A 260 19.23 5.60 -29.48
CA ALA A 260 19.05 6.92 -28.89
C ALA A 260 19.83 7.13 -27.59
N LEU A 261 19.89 6.09 -26.78
CA LEU A 261 20.45 6.23 -25.44
C LEU A 261 21.97 6.04 -25.53
N GLY A 262 22.43 5.49 -26.61
CA GLY A 262 23.84 5.44 -26.86
C GLY A 262 24.14 6.54 -27.81
N SER B 2 -20.90 14.34 18.73
CA SER B 2 -19.99 13.75 19.77
C SER B 2 -18.64 14.48 19.83
N ARG B 3 -17.78 14.24 20.81
CA ARG B 3 -16.44 14.88 20.95
C ARG B 3 -15.46 14.26 19.92
N PRO B 4 -14.42 15.02 19.47
CA PRO B 4 -13.36 14.51 18.67
C PRO B 4 -12.73 13.24 19.36
N VAL B 5 -12.20 12.43 18.51
CA VAL B 5 -11.46 11.26 18.99
C VAL B 5 -10.26 11.71 19.81
N SER B 6 -9.57 12.79 19.36
CA SER B 6 -8.40 13.20 20.15
C SER B 6 -8.83 13.62 21.57
N ASP B 7 -9.90 14.46 21.71
CA ASP B 7 -10.36 14.86 22.99
C ASP B 7 -10.73 13.66 23.88
N THR B 8 -11.44 12.73 23.36
CA THR B 8 -12.06 11.57 24.11
C THR B 8 -10.89 10.76 24.64
N MET B 9 -9.92 10.45 23.77
CA MET B 9 -8.74 9.59 24.15
C MET B 9 -7.79 10.30 25.10
N ALA B 10 -7.59 11.63 24.90
CA ALA B 10 -6.71 12.30 25.81
C ALA B 10 -7.26 12.49 27.17
N ALA B 11 -8.58 12.73 27.29
CA ALA B 11 -9.19 12.98 28.60
C ALA B 11 -9.05 11.71 29.45
N LEU B 12 -9.23 10.58 28.80
CA LEU B 12 -9.16 9.30 29.53
C LEU B 12 -7.72 9.08 29.98
N MET B 13 -6.75 9.26 29.08
CA MET B 13 -5.34 9.17 29.42
C MET B 13 -4.95 10.08 30.57
N ALA B 14 -5.42 11.34 30.50
CA ALA B 14 -5.11 12.28 31.64
C ALA B 14 -5.44 11.72 33.00
N LYS B 15 -6.51 10.95 33.08
CA LYS B 15 -6.99 10.37 34.33
C LYS B 15 -6.54 8.87 34.57
N GLY B 16 -5.62 8.37 33.73
CA GLY B 16 -5.10 7.00 33.93
C GLY B 16 -6.10 5.91 33.52
N LYS B 17 -7.08 6.27 32.67
CA LYS B 17 -8.11 5.33 32.27
C LYS B 17 -7.81 4.77 30.89
N THR B 18 -8.43 3.64 30.62
CA THR B 18 -8.17 2.91 29.36
C THR B 18 -9.48 2.83 28.60
N ALA B 19 -9.51 3.44 27.46
CA ALA B 19 -10.68 3.41 26.61
C ALA B 19 -11.05 2.02 26.14
N PHE B 20 -12.36 1.90 26.05
CA PHE B 20 -13.00 0.71 25.56
C PHE B 20 -13.30 0.97 24.09
N ILE B 21 -12.63 0.26 23.18
CA ILE B 21 -12.82 0.57 21.73
C ILE B 21 -13.25 -0.70 20.87
N PRO B 22 -14.52 -0.98 20.88
CA PRO B 22 -15.00 -2.09 20.07
C PRO B 22 -14.89 -1.78 18.59
N TYR B 23 -14.64 -2.84 17.85
CA TYR B 23 -14.62 -2.81 16.43
C TYR B 23 -15.67 -3.77 15.89
N ILE B 24 -16.53 -3.29 15.05
CA ILE B 24 -17.29 -4.25 14.11
C ILE B 24 -17.13 -3.95 12.59
N THR B 25 -17.54 -4.87 11.75
CA THR B 25 -17.53 -4.71 10.32
C THR B 25 -18.83 -4.18 9.82
N ALA B 26 -18.82 -3.04 9.16
CA ALA B 26 -20.06 -2.51 8.58
C ALA B 26 -20.65 -3.50 7.58
N GLY B 27 -21.94 -3.77 7.75
CA GLY B 27 -22.60 -4.70 6.81
C GLY B 27 -22.54 -6.15 7.15
N ASP B 28 -21.97 -6.48 8.31
CA ASP B 28 -21.98 -7.86 8.82
C ASP B 28 -22.89 -7.99 10.02
N PRO B 29 -24.08 -8.65 9.98
CA PRO B 29 -24.69 -9.37 8.92
C PRO B 29 -25.46 -8.59 7.84
N ASP B 30 -25.81 -7.39 8.18
CA ASP B 30 -26.44 -6.43 7.26
C ASP B 30 -26.25 -5.04 7.83
N LEU B 31 -26.51 -4.03 7.03
CA LEU B 31 -26.32 -2.63 7.52
C LEU B 31 -27.31 -2.13 8.59
N ALA B 32 -28.52 -2.65 8.57
CA ALA B 32 -29.45 -2.35 9.60
C ALA B 32 -29.02 -2.88 10.92
N THR B 33 -28.58 -4.12 10.95
CA THR B 33 -27.97 -4.63 12.17
C THR B 33 -26.68 -3.85 12.63
N THR B 34 -25.85 -3.34 11.71
CA THR B 34 -24.74 -2.51 12.06
C THR B 34 -25.24 -1.27 12.84
N ALA B 35 -26.22 -0.61 12.26
CA ALA B 35 -26.81 0.57 12.90
C ALA B 35 -27.29 0.29 14.31
N GLU B 36 -27.99 -0.78 14.48
CA GLU B 36 -28.51 -1.26 15.74
C GLU B 36 -27.31 -1.57 16.71
N ALA B 37 -26.23 -2.19 16.20
CA ALA B 37 -25.08 -2.57 17.00
C ALA B 37 -24.31 -1.34 17.51
N LEU B 38 -24.26 -0.31 16.66
CA LEU B 38 -23.54 0.92 16.94
C LEU B 38 -24.25 1.60 18.17
N ARG B 39 -25.57 1.70 18.11
CA ARG B 39 -26.33 2.21 19.26
C ARG B 39 -26.20 1.37 20.52
N LEU B 40 -26.18 0.07 20.36
CA LEU B 40 -25.99 -0.74 21.55
C LEU B 40 -24.56 -0.69 22.18
N LEU B 41 -23.53 -0.53 21.32
CA LEU B 41 -22.20 -0.39 21.78
C LEU B 41 -22.08 0.91 22.57
N ASP B 42 -22.65 1.95 22.01
CA ASP B 42 -22.71 3.22 22.66
C ASP B 42 -23.40 3.11 24.08
N GLY B 43 -24.48 2.33 24.13
CA GLY B 43 -25.35 2.11 25.34
C GLY B 43 -24.58 1.27 26.35
N CYS B 44 -23.64 0.42 25.88
CA CYS B 44 -22.70 -0.32 26.73
C CYS B 44 -21.51 0.51 27.23
N GLY B 45 -21.36 1.79 26.88
CA GLY B 45 -20.27 2.67 27.26
C GLY B 45 -18.96 2.66 26.44
N ALA B 46 -19.03 2.26 25.15
CA ALA B 46 -17.88 2.40 24.27
C ALA B 46 -17.43 3.84 24.32
N ASP B 47 -16.13 4.06 24.50
CA ASP B 47 -15.57 5.41 24.39
C ASP B 47 -15.45 5.85 22.96
N VAL B 48 -15.05 4.92 22.08
CA VAL B 48 -14.83 5.20 20.64
C VAL B 48 -15.34 3.89 19.96
N ILE B 49 -16.00 4.00 18.82
CA ILE B 49 -16.29 2.79 18.04
C ILE B 49 -15.50 2.74 16.73
N GLU B 50 -14.73 1.63 16.50
CA GLU B 50 -14.11 1.45 15.16
C GLU B 50 -14.99 0.62 14.22
N LEU B 51 -15.23 1.12 12.98
CA LEU B 51 -16.16 0.46 12.02
C LEU B 51 -15.46 0.24 10.73
N GLY B 52 -15.43 -1.00 10.32
CA GLY B 52 -14.69 -1.42 9.16
C GLY B 52 -15.49 -1.37 7.90
N VAL B 53 -14.90 -0.87 6.80
CA VAL B 53 -15.49 -0.94 5.51
C VAL B 53 -14.81 -2.20 4.89
N PRO B 54 -15.63 -3.06 4.44
CA PRO B 54 -15.18 -4.37 3.93
C PRO B 54 -14.43 -4.34 2.56
N CYS B 55 -13.18 -4.90 2.54
CA CYS B 55 -12.43 -5.45 1.36
C CYS B 55 -11.99 -7.00 1.58
N SER B 56 -11.72 -7.74 0.57
CA SER B 56 -11.48 -9.17 0.70
C SER B 56 -10.17 -9.51 1.50
N ASP B 57 -9.16 -8.59 1.63
CA ASP B 57 -7.76 -8.96 2.06
C ASP B 57 -7.25 -7.88 2.95
N PRO B 58 -7.78 -7.69 4.18
CA PRO B 58 -7.18 -6.63 5.08
C PRO B 58 -5.66 -7.08 5.57
N ASP B 61 -5.05 -8.75 10.60
CA ASP B 61 -6.43 -9.12 10.67
C ASP B 61 -6.26 -10.73 10.53
N GLY B 62 -7.19 -11.62 10.31
CA GLY B 62 -7.09 -12.99 10.89
C GLY B 62 -8.40 -13.79 10.58
N PRO B 63 -8.56 -15.01 11.00
CA PRO B 63 -9.69 -15.88 10.67
C PRO B 63 -11.11 -15.40 10.97
N ILE B 64 -11.41 -14.84 12.17
CA ILE B 64 -12.74 -14.30 12.49
C ILE B 64 -13.04 -13.12 11.70
N ILE B 65 -12.05 -12.19 11.66
CA ILE B 65 -12.18 -11.01 10.81
C ILE B 65 -12.32 -11.29 9.35
N GLN B 66 -11.58 -12.28 8.81
CA GLN B 66 -11.66 -12.57 7.43
C GLN B 66 -13.17 -13.00 7.17
N ALA B 67 -13.69 -13.87 8.03
CA ALA B 67 -15.09 -14.37 7.83
C ALA B 67 -16.09 -13.16 7.83
N SER B 68 -15.82 -12.16 8.61
CA SER B 68 -16.71 -11.05 8.85
C SER B 68 -16.72 -10.21 7.60
N VAL B 69 -15.52 -9.89 7.10
CA VAL B 69 -15.51 -9.10 5.87
C VAL B 69 -16.12 -9.83 4.72
N ALA B 70 -15.85 -11.11 4.64
CA ALA B 70 -16.46 -11.88 3.56
C ALA B 70 -18.03 -11.83 3.60
N ARG B 71 -18.57 -11.90 4.79
CA ARG B 71 -20.02 -11.77 4.87
C ARG B 71 -20.45 -10.34 4.52
N ALA B 72 -19.67 -9.35 4.96
CA ALA B 72 -20.12 -7.97 4.70
C ALA B 72 -20.03 -7.74 3.16
N LEU B 73 -19.05 -8.33 2.49
CA LEU B 73 -18.95 -8.17 1.06
C LEU B 73 -20.11 -8.95 0.47
N ALA B 74 -20.48 -10.11 1.01
CA ALA B 74 -21.63 -10.81 0.43
C ALA B 74 -22.93 -10.06 0.56
N SER B 75 -23.15 -9.29 1.61
CA SER B 75 -24.40 -8.52 1.81
C SER B 75 -24.50 -7.27 0.83
N GLY B 76 -23.44 -7.04 0.07
CA GLY B 76 -23.41 -6.07 -0.99
C GLY B 76 -23.03 -4.67 -0.39
N THR B 77 -22.33 -4.66 0.77
CA THR B 77 -21.74 -3.47 1.32
C THR B 77 -20.68 -2.74 0.61
N THR B 78 -20.93 -1.43 0.35
CA THR B 78 -19.98 -0.50 -0.30
C THR B 78 -19.71 0.72 0.63
N MET B 79 -18.59 1.37 0.40
CA MET B 79 -18.20 2.53 1.08
C MET B 79 -19.43 3.53 1.14
N ASP B 80 -20.03 3.79 0.01
CA ASP B 80 -21.04 4.87 0.00
C ASP B 80 -22.28 4.48 0.82
N ALA B 81 -22.70 3.19 0.85
CA ALA B 81 -23.68 2.74 1.82
C ALA B 81 -23.33 2.88 3.29
N VAL B 82 -22.06 2.66 3.60
CA VAL B 82 -21.65 2.84 4.97
C VAL B 82 -21.84 4.33 5.30
N LEU B 83 -21.42 5.25 4.36
CA LEU B 83 -21.36 6.68 4.73
C LEU B 83 -22.83 7.13 4.85
N GLU B 84 -23.72 6.60 4.01
CA GLU B 84 -25.17 6.90 4.13
C GLU B 84 -25.70 6.43 5.43
N MET B 85 -25.27 5.28 5.93
CA MET B 85 -25.76 4.77 7.21
C MET B 85 -25.26 5.64 8.34
N LEU B 86 -23.99 6.10 8.30
CA LEU B 86 -23.48 6.97 9.33
C LEU B 86 -24.18 8.35 9.46
N ARG B 87 -24.48 8.94 8.36
CA ARG B 87 -25.26 10.20 8.28
C ARG B 87 -26.49 10.14 9.19
N GLU B 88 -27.08 8.96 9.24
CA GLU B 88 -28.36 8.74 9.94
C GLU B 88 -28.23 8.36 11.41
N VAL B 89 -27.24 7.57 11.73
CA VAL B 89 -27.04 6.99 13.04
C VAL B 89 -26.13 7.86 13.89
N THR B 90 -25.05 8.41 13.33
CA THR B 90 -24.07 9.16 14.17
C THR B 90 -24.73 10.31 15.09
N PRO B 91 -25.69 11.11 14.68
CA PRO B 91 -26.30 12.15 15.59
C PRO B 91 -26.81 11.44 16.84
N GLU B 92 -27.30 10.22 16.78
CA GLU B 92 -27.79 9.64 18.07
C GLU B 92 -26.76 8.88 18.93
N LEU B 93 -25.47 8.80 18.48
CA LEU B 93 -24.45 8.25 19.31
C LEU B 93 -23.78 9.34 20.17
N SER B 94 -23.49 8.99 21.42
CA SER B 94 -22.69 9.86 22.29
C SER B 94 -21.20 9.69 22.05
N CYS B 95 -20.73 8.65 21.42
CA CYS B 95 -19.28 8.48 21.15
C CYS B 95 -18.90 8.62 19.65
N PRO B 96 -17.66 8.96 19.36
CA PRO B 96 -17.22 9.06 17.96
C PRO B 96 -16.87 7.77 17.31
N VAL B 97 -17.07 7.75 15.98
CA VAL B 97 -16.78 6.70 15.08
C VAL B 97 -15.52 6.99 14.22
N VAL B 98 -14.62 5.98 14.25
CA VAL B 98 -13.43 5.93 13.43
C VAL B 98 -13.69 4.87 12.39
N LEU B 99 -13.63 5.26 11.16
CA LEU B 99 -13.79 4.29 10.00
C LEU B 99 -12.48 3.68 9.67
N LEU B 100 -12.49 2.35 9.47
CA LEU B 100 -11.27 1.69 9.04
C LEU B 100 -11.55 1.29 7.53
N SER B 101 -10.73 1.82 6.63
CA SER B 101 -10.83 1.42 5.24
C SER B 101 -9.47 1.25 4.58
N TYR B 102 -9.42 0.35 3.63
CA TYR B 102 -8.24 0.27 2.75
C TYR B 102 -8.18 1.57 1.89
N TYR B 103 -7.06 1.78 1.31
CA TYR B 103 -6.78 3.04 0.55
C TYR B 103 -7.55 3.23 -0.80
N LYS B 104 -7.72 2.21 -1.58
CA LYS B 104 -8.35 2.35 -2.90
C LYS B 104 -9.68 3.16 -2.92
N PRO B 105 -10.64 2.95 -2.07
CA PRO B 105 -11.86 3.81 -2.09
C PRO B 105 -11.70 5.16 -1.55
N ILE B 106 -10.70 5.43 -0.83
CA ILE B 106 -10.47 6.77 -0.33
C ILE B 106 -9.89 7.69 -1.34
N MET B 107 -9.12 7.15 -2.25
CA MET B 107 -8.22 7.89 -3.14
C MET B 107 -8.82 9.15 -3.90
N PHE B 108 -10.01 9.00 -4.50
CA PHE B 108 -10.71 10.11 -5.10
C PHE B 108 -11.99 10.61 -4.25
N ARG B 109 -12.20 10.04 -3.11
CA ARG B 109 -13.31 10.45 -2.18
C ARG B 109 -12.94 11.64 -1.44
N SER B 110 -13.98 12.31 -0.98
CA SER B 110 -13.82 13.56 -0.26
C SER B 110 -13.83 13.32 1.22
N LEU B 111 -12.73 13.63 1.85
CA LEU B 111 -12.66 13.61 3.29
C LEU B 111 -13.62 14.57 4.03
N ALA B 112 -13.75 15.79 3.53
CA ALA B 112 -14.80 16.72 3.99
C ALA B 112 -16.21 16.09 4.02
N LYS B 113 -16.63 15.46 2.94
CA LYS B 113 -17.88 14.75 2.92
C LYS B 113 -18.02 13.58 3.90
N MET B 114 -16.95 12.78 4.07
CA MET B 114 -16.90 11.79 5.05
C MET B 114 -17.10 12.36 6.47
N LYS B 115 -16.41 13.46 6.79
CA LYS B 115 -16.51 14.06 8.11
C LYS B 115 -17.96 14.55 8.36
N GLU B 116 -18.54 15.16 7.34
CA GLU B 116 -19.92 15.57 7.39
C GLU B 116 -20.94 14.52 7.58
N ALA B 117 -20.61 13.30 7.22
CA ALA B 117 -21.51 12.15 7.41
C ALA B 117 -21.39 11.51 8.78
N GLY B 118 -20.47 12.02 9.55
CA GLY B 118 -20.16 11.55 10.91
C GLY B 118 -18.89 10.70 11.12
N VAL B 119 -18.02 10.58 10.15
CA VAL B 119 -16.78 9.92 10.33
C VAL B 119 -15.88 10.91 11.08
N HIS B 120 -15.58 10.61 12.35
CA HIS B 120 -14.68 11.44 13.11
C HIS B 120 -13.20 11.07 13.01
N GLY B 121 -12.86 9.89 12.55
CA GLY B 121 -11.44 9.57 12.38
C GLY B 121 -11.37 8.49 11.38
N LEU B 122 -10.17 8.30 10.86
CA LEU B 122 -9.98 7.33 9.80
C LEU B 122 -8.72 6.52 10.03
N ILE B 123 -8.75 5.23 9.80
CA ILE B 123 -7.55 4.36 9.77
C ILE B 123 -7.50 3.69 8.45
N VAL B 124 -6.35 3.92 7.77
CA VAL B 124 -6.09 3.30 6.49
C VAL B 124 -4.85 2.37 6.70
N PRO B 125 -5.10 1.10 6.93
CA PRO B 125 -3.98 0.23 7.24
C PRO B 125 -3.00 0.03 6.15
N ASP B 126 -3.42 -0.19 4.88
CA ASP B 126 -2.56 -0.33 3.80
C ASP B 126 -2.06 0.99 3.14
N LEU B 127 -2.23 2.12 3.78
CA LEU B 127 -1.81 3.39 3.22
C LEU B 127 -0.41 3.40 2.54
N PRO B 128 -0.34 3.53 1.19
CA PRO B 128 0.96 3.57 0.46
C PRO B 128 1.86 4.69 0.90
N TYR B 129 3.14 4.39 1.02
CA TYR B 129 4.00 5.44 1.51
C TYR B 129 4.02 6.58 0.46
N VAL B 130 3.85 6.22 -0.81
CA VAL B 130 3.93 7.25 -1.79
C VAL B 130 2.69 8.21 -1.69
N ALA B 131 1.60 7.77 -1.09
CA ALA B 131 0.36 8.57 -0.90
C ALA B 131 0.19 9.14 0.49
N ALA B 132 1.07 8.84 1.44
CA ALA B 132 0.74 9.13 2.87
C ALA B 132 0.70 10.64 3.15
N HIS B 133 1.70 11.40 2.61
CA HIS B 133 1.79 12.82 2.82
C HIS B 133 0.50 13.53 2.30
N SER B 134 0.04 13.12 1.12
CA SER B 134 -1.06 13.72 0.48
C SER B 134 -2.34 13.46 1.24
N LEU B 135 -2.51 12.23 1.81
CA LEU B 135 -3.70 11.95 2.62
C LEU B 135 -3.57 12.62 4.05
N TRP B 136 -2.40 12.68 4.64
CA TRP B 136 -2.26 13.35 5.92
C TRP B 136 -2.69 14.83 5.83
N SER B 137 -2.29 15.49 4.75
CA SER B 137 -2.43 16.93 4.51
C SER B 137 -3.95 17.14 4.17
N GLU B 138 -4.56 16.27 3.38
CA GLU B 138 -6.00 16.35 3.20
C GLU B 138 -6.82 16.22 4.46
N ALA B 139 -6.49 15.22 5.26
CA ALA B 139 -7.19 15.01 6.48
C ALA B 139 -7.10 16.20 7.48
N LYS B 140 -5.84 16.68 7.66
CA LYS B 140 -5.57 17.73 8.54
C LYS B 140 -6.47 18.93 8.01
N ASN B 141 -6.36 19.27 6.71
CA ASN B 141 -7.05 20.46 6.24
C ASN B 141 -8.56 20.35 6.31
N ASN B 142 -9.14 19.17 6.59
CA ASN B 142 -10.61 18.95 6.57
C ASN B 142 -11.09 18.48 7.89
N ASN B 143 -10.19 18.59 8.93
CA ASN B 143 -10.43 18.24 10.34
C ASN B 143 -10.91 16.90 10.67
N LEU B 144 -10.39 15.92 9.87
CA LEU B 144 -10.72 14.51 10.00
C LEU B 144 -9.40 13.89 10.48
N GLU B 145 -9.44 13.31 11.69
CA GLU B 145 -8.26 12.75 12.38
C GLU B 145 -7.83 11.45 11.73
N LEU B 146 -6.65 11.47 11.14
CA LEU B 146 -6.06 10.28 10.42
C LEU B 146 -5.16 9.60 11.48
N VAL B 147 -5.62 8.42 11.91
CA VAL B 147 -5.08 7.67 13.00
C VAL B 147 -4.13 6.68 12.36
N LEU B 148 -2.85 6.73 12.71
CA LEU B 148 -1.84 5.92 12.06
C LEU B 148 -1.48 4.67 12.84
N LEU B 149 -1.11 3.62 12.13
CA LEU B 149 -0.59 2.39 12.70
C LEU B 149 0.86 2.42 12.85
N THR B 150 1.29 1.75 13.91
CA THR B 150 2.68 1.33 14.02
C THR B 150 2.74 -0.13 14.53
N THR B 151 3.87 -0.77 14.35
CA THR B 151 4.03 -2.18 14.76
C THR B 151 5.38 -2.26 15.35
N PRO B 152 5.61 -3.37 16.02
CA PRO B 152 6.89 -3.66 16.61
C PRO B 152 8.09 -3.83 15.65
N ALA B 153 7.71 -4.08 14.38
CA ALA B 153 8.68 -4.26 13.29
C ALA B 153 9.28 -2.94 12.82
N ILE B 154 8.58 -1.83 13.08
CA ILE B 154 9.00 -0.58 12.46
C ILE B 154 10.18 -0.06 13.20
N PRO B 155 11.24 0.38 12.55
CA PRO B 155 12.36 0.98 13.28
C PRO B 155 12.02 2.23 14.05
N GLU B 156 12.72 2.36 15.18
CA GLU B 156 12.54 3.51 16.12
C GLU B 156 12.39 4.89 15.49
N ASP B 157 13.39 5.33 14.66
CA ASP B 157 13.34 6.66 14.01
C ASP B 157 12.08 6.82 13.18
N ARG B 158 11.66 5.77 12.52
CA ARG B 158 10.43 5.88 11.75
C ARG B 158 9.17 5.83 12.67
N MET B 159 9.17 5.04 13.74
CA MET B 159 8.02 5.02 14.68
C MET B 159 7.77 6.40 15.22
N LYS B 160 8.85 7.16 15.44
CA LYS B 160 8.78 8.55 15.91
C LYS B 160 8.12 9.48 14.92
N GLU B 161 8.51 9.40 13.67
CA GLU B 161 7.88 10.14 12.60
C GLU B 161 6.38 9.81 12.46
N ILE B 162 6.07 8.52 12.63
CA ILE B 162 4.66 8.04 12.50
C ILE B 162 3.88 8.66 13.67
N THR B 163 4.47 8.65 14.89
CA THR B 163 3.67 9.12 16.04
C THR B 163 3.46 10.68 15.96
N LYS B 164 4.48 11.39 15.52
CA LYS B 164 4.35 12.82 15.22
C LYS B 164 3.24 13.15 14.24
N ALA B 165 3.10 12.31 13.24
CA ALA B 165 2.10 12.51 12.13
C ALA B 165 0.72 12.15 12.47
N SER B 166 0.58 11.22 13.45
CA SER B 166 -0.72 10.66 13.80
C SER B 166 -1.61 11.68 14.55
N GLU B 167 -2.90 11.53 14.31
CA GLU B 167 -3.88 12.30 15.11
C GLU B 167 -4.94 11.37 15.70
N GLY B 168 -5.60 11.80 16.75
CA GLY B 168 -6.58 10.94 17.43
C GLY B 168 -5.95 10.03 18.53
N PHE B 169 -5.15 9.07 18.07
CA PHE B 169 -4.35 8.21 18.86
C PHE B 169 -3.36 7.56 17.89
N VAL B 170 -2.43 6.83 18.49
CA VAL B 170 -1.46 6.04 17.82
C VAL B 170 -1.91 4.60 18.08
N TYR B 171 -2.15 3.94 17.00
CA TYR B 171 -2.60 2.52 16.99
C TYR B 171 -1.49 1.57 16.84
N LEU B 172 -1.15 0.91 17.90
CA LEU B 172 -0.09 -0.09 17.97
C LEU B 172 -0.72 -1.46 17.75
N VAL B 173 -0.24 -2.16 16.72
CA VAL B 173 -0.88 -3.39 16.26
C VAL B 173 0.23 -4.38 15.98
N SER B 174 -0.11 -5.65 16.11
CA SER B 174 1.03 -6.64 15.89
C SER B 174 1.15 -7.01 14.38
N VAL B 175 2.42 -6.88 13.96
CA VAL B 175 3.02 -7.33 12.68
C VAL B 175 2.05 -7.56 11.54
N PRO B 187 2.88 -11.53 26.58
CA PRO B 187 4.35 -11.67 26.93
C PRO B 187 5.27 -10.32 26.93
N ARG B 188 5.89 -10.05 25.74
CA ARG B 188 6.73 -8.83 25.40
C ARG B 188 5.92 -7.55 25.37
N VAL B 189 4.61 -7.65 25.61
CA VAL B 189 3.71 -6.60 25.14
C VAL B 189 3.79 -5.37 26.02
N GLU B 190 4.05 -5.66 27.29
CA GLU B 190 4.39 -4.57 28.23
C GLU B 190 5.46 -3.57 27.60
N SER B 191 6.62 -4.13 27.22
CA SER B 191 7.72 -3.33 26.59
C SER B 191 7.30 -2.71 25.21
N LEU B 192 6.36 -3.31 24.51
CA LEU B 192 6.05 -2.69 23.21
C LEU B 192 5.30 -1.32 23.39
N ILE B 193 4.35 -1.40 24.34
CA ILE B 193 3.51 -0.25 24.71
C ILE B 193 4.44 0.81 25.25
N GLN B 194 5.43 0.43 26.06
CA GLN B 194 6.35 1.37 26.67
C GLN B 194 7.26 2.07 25.69
N GLU B 195 7.73 1.31 24.66
CA GLU B 195 8.66 1.97 23.67
C GLU B 195 7.88 3.07 22.91
N VAL B 196 6.61 2.84 22.61
CA VAL B 196 5.83 3.99 22.01
C VAL B 196 5.60 5.18 23.05
N LYS B 197 5.06 4.87 24.25
CA LYS B 197 4.77 5.91 25.27
C LYS B 197 6.00 6.70 25.51
N LYS B 198 7.16 6.11 25.21
CA LYS B 198 8.40 6.83 25.46
C LYS B 198 8.63 8.01 24.49
N VAL B 199 8.34 7.95 23.18
CA VAL B 199 8.61 9.08 22.21
C VAL B 199 7.44 10.07 21.85
N THR B 200 6.28 9.77 22.37
CA THR B 200 5.10 10.60 22.05
C THR B 200 4.33 10.88 23.37
N ASN B 201 3.50 11.94 23.41
CA ASN B 201 2.51 12.17 24.49
C ASN B 201 1.12 11.84 24.01
N LYS B 202 0.99 11.34 22.78
CA LYS B 202 -0.33 10.90 22.32
C LYS B 202 -0.80 9.59 22.90
N PRO B 203 -2.11 9.42 23.04
CA PRO B 203 -2.66 8.15 23.58
C PRO B 203 -2.27 7.06 22.58
N VAL B 204 -1.95 5.96 23.19
CA VAL B 204 -1.56 4.68 22.51
C VAL B 204 -2.67 3.64 22.80
N ALA B 205 -3.32 3.25 21.75
CA ALA B 205 -4.23 2.12 21.80
C ALA B 205 -3.65 0.88 21.20
N VAL B 206 -4.04 -0.22 21.81
CA VAL B 206 -3.53 -1.47 21.52
C VAL B 206 -4.61 -2.45 21.17
N GLY B 207 -4.31 -3.19 20.16
CA GLY B 207 -4.89 -4.53 20.22
C GLY B 207 -5.89 -4.76 19.20
N PHE B 208 -6.49 -6.01 19.12
CA PHE B 208 -7.57 -6.33 18.23
C PHE B 208 -8.16 -7.74 18.45
N GLY B 209 -7.25 -8.72 18.80
CA GLY B 209 -7.54 -10.11 19.03
C GLY B 209 -7.42 -10.52 20.52
N ILE B 210 -7.09 -9.61 21.44
CA ILE B 210 -7.26 -10.01 22.87
C ILE B 210 -8.77 -9.93 23.39
N SER B 211 -9.34 -11.02 23.84
CA SER B 211 -10.83 -11.07 24.03
C SER B 211 -11.34 -11.44 25.48
N LYS B 212 -10.47 -12.07 26.25
CA LYS B 212 -10.81 -12.51 27.61
C LYS B 212 -10.69 -11.29 28.65
N PRO B 213 -11.70 -11.13 29.50
CA PRO B 213 -11.66 -9.98 30.48
C PRO B 213 -10.28 -9.80 31.25
N GLU B 214 -9.70 -10.86 31.69
CA GLU B 214 -8.49 -10.75 32.51
C GLU B 214 -7.30 -10.23 31.70
N HIS B 215 -7.29 -10.57 30.41
CA HIS B 215 -6.12 -10.23 29.61
C HIS B 215 -6.29 -8.82 29.16
N VAL B 216 -7.47 -8.43 28.68
CA VAL B 216 -7.81 -7.01 28.57
C VAL B 216 -7.40 -6.19 29.86
N LYS B 217 -7.74 -6.60 31.05
CA LYS B 217 -7.33 -5.83 32.19
C LYS B 217 -5.80 -5.75 32.25
N GLN B 218 -5.12 -6.84 31.86
CA GLN B 218 -3.71 -6.85 31.95
C GLN B 218 -3.07 -5.84 30.95
N ILE B 219 -3.66 -5.67 29.77
CA ILE B 219 -3.23 -4.69 28.82
C ILE B 219 -3.40 -3.28 29.38
N ALA B 220 -4.56 -2.96 29.93
CA ALA B 220 -4.76 -1.69 30.68
C ALA B 220 -3.70 -1.50 31.73
N GLN B 221 -3.32 -2.53 32.48
CA GLN B 221 -2.48 -2.34 33.67
C GLN B 221 -1.05 -1.99 33.21
N TRP B 222 -0.70 -2.43 31.99
CA TRP B 222 0.57 -2.21 31.33
C TRP B 222 0.67 -0.85 30.52
N GLY B 223 -0.38 -0.03 30.51
CA GLY B 223 -0.20 1.39 30.22
C GLY B 223 -0.84 1.68 28.89
N ALA B 224 -1.68 0.77 28.40
CA ALA B 224 -2.42 1.07 27.28
C ALA B 224 -3.49 2.16 27.61
N ASP B 225 -3.61 3.17 26.72
CA ASP B 225 -4.62 4.16 26.78
C ASP B 225 -5.90 3.75 26.21
N GLY B 226 -5.93 2.60 25.53
CA GLY B 226 -7.10 2.14 24.79
C GLY B 226 -6.93 0.69 24.40
N VAL B 227 -8.00 -0.12 24.46
CA VAL B 227 -7.97 -1.49 23.92
C VAL B 227 -9.00 -1.65 22.91
N ILE B 228 -8.56 -2.06 21.72
CA ILE B 228 -9.46 -2.25 20.56
C ILE B 228 -9.84 -3.75 20.60
N ILE B 229 -11.15 -4.05 20.73
CA ILE B 229 -11.58 -5.46 20.76
C ILE B 229 -12.46 -5.72 19.51
N GLY B 230 -11.92 -6.47 18.56
CA GLY B 230 -12.58 -6.66 17.28
C GLY B 230 -13.03 -8.07 16.97
N SER B 231 -12.13 -9.04 16.96
CA SER B 231 -12.43 -10.30 16.49
C SER B 231 -13.53 -10.91 17.41
N ALA B 232 -13.48 -10.71 18.73
CA ALA B 232 -14.54 -11.27 19.54
C ALA B 232 -15.91 -10.53 19.39
N MET B 233 -15.93 -9.29 19.12
CA MET B 233 -17.14 -8.51 19.06
C MET B 233 -17.79 -9.10 17.77
N VAL B 234 -17.06 -9.29 16.69
CA VAL B 234 -17.63 -9.68 15.41
C VAL B 234 -18.15 -11.04 15.47
N ARG B 235 -17.47 -11.95 16.19
CA ARG B 235 -17.94 -13.24 16.39
C ARG B 235 -19.29 -13.28 17.12
N GLN B 236 -19.35 -12.54 18.21
CA GLN B 236 -20.58 -12.39 18.89
C GLN B 236 -21.80 -11.94 17.97
N LEU B 237 -21.63 -10.85 17.28
CA LEU B 237 -22.60 -10.22 16.40
C LEU B 237 -22.87 -11.05 15.14
N GLY B 238 -21.85 -11.63 14.49
CA GLY B 238 -21.95 -12.12 13.13
C GLY B 238 -22.05 -13.60 12.99
N GLU B 239 -21.67 -14.34 14.04
CA GLU B 239 -21.75 -15.75 14.02
C GLU B 239 -22.86 -16.34 14.93
N ALA B 240 -24.06 -15.80 14.90
CA ALA B 240 -25.12 -16.32 15.71
C ALA B 240 -26.12 -16.76 14.70
N ALA B 241 -27.14 -17.45 15.15
CA ALA B 241 -28.15 -18.00 14.27
C ALA B 241 -29.14 -16.89 13.67
N SER B 242 -29.20 -15.74 14.28
CA SER B 242 -29.84 -14.53 13.63
C SER B 242 -29.31 -13.26 14.14
N PRO B 243 -29.69 -12.13 13.47
CA PRO B 243 -29.35 -10.85 14.02
C PRO B 243 -29.82 -10.57 15.44
N LYS B 244 -31.06 -10.94 15.84
CA LYS B 244 -31.47 -10.69 17.20
C LYS B 244 -30.49 -11.37 18.15
N GLN B 245 -30.17 -12.69 17.94
CA GLN B 245 -29.32 -13.39 18.91
C GLN B 245 -27.88 -12.73 18.86
N GLY B 246 -27.42 -12.36 17.69
CA GLY B 246 -26.18 -11.61 17.55
C GLY B 246 -26.15 -10.37 18.39
N LEU B 247 -27.15 -9.51 18.24
CA LEU B 247 -27.24 -8.37 19.16
C LEU B 247 -27.24 -8.64 20.64
N ARG B 248 -28.01 -9.62 21.19
CA ARG B 248 -28.06 -9.98 22.55
C ARG B 248 -26.64 -10.48 22.94
N ARG B 249 -26.01 -11.30 22.08
CA ARG B 249 -24.63 -11.66 22.38
C ARG B 249 -23.64 -10.53 22.49
N LEU B 250 -23.70 -9.66 21.52
CA LEU B 250 -22.82 -8.48 21.50
C LEU B 250 -23.03 -7.65 22.81
N GLU B 251 -24.27 -7.41 23.16
CA GLU B 251 -24.53 -6.55 24.38
C GLU B 251 -24.01 -7.17 25.67
N GLU B 252 -24.24 -8.46 25.84
CA GLU B 252 -23.78 -9.19 26.94
C GLU B 252 -22.22 -9.17 27.03
N TYR B 253 -21.50 -9.38 25.91
CA TYR B 253 -20.06 -9.44 25.91
C TYR B 253 -19.44 -7.98 26.13
N ALA B 254 -20.02 -7.01 25.44
CA ALA B 254 -19.56 -5.68 25.58
C ALA B 254 -19.64 -5.15 27.01
N ARG B 255 -20.72 -5.45 27.71
CA ARG B 255 -20.84 -5.08 29.13
C ARG B 255 -19.75 -5.67 29.94
N GLY B 256 -19.46 -6.94 29.70
CA GLY B 256 -18.44 -7.63 30.48
C GLY B 256 -17.15 -6.92 30.13
N MET B 257 -16.96 -6.50 28.91
CA MET B 257 -15.69 -5.82 28.60
C MET B 257 -15.57 -4.43 29.29
N LYS B 258 -16.64 -3.61 29.22
CA LYS B 258 -16.69 -2.32 29.85
C LYS B 258 -16.42 -2.42 31.30
N ASN B 259 -17.06 -3.41 32.00
CA ASN B 259 -16.76 -3.73 33.35
C ASN B 259 -15.33 -4.06 33.61
N ALA B 260 -14.76 -4.87 32.77
CA ALA B 260 -13.37 -5.20 32.99
C ALA B 260 -12.47 -3.98 32.95
N LEU B 261 -12.72 -3.08 32.04
CA LEU B 261 -11.81 -1.96 31.86
C LEU B 261 -12.03 -0.82 32.94
N GLY B 262 -13.08 -0.88 33.74
CA GLY B 262 -13.48 0.10 34.74
C GLY B 262 -13.05 -0.27 36.16
C1 MLA C . 10.11 4.26 3.57
O1A MLA C . 8.83 4.48 3.50
O1B MLA C . 11.06 4.98 4.18
C2 MLA C . 10.49 2.92 2.95
C3 MLA C . 11.56 2.11 3.71
O3A MLA C . 12.34 3.00 4.22
O3B MLA C . 11.64 0.77 4.00
C1 MLA D . 2.87 9.99 7.29
O1A MLA D . 1.63 10.10 7.20
O1B MLA D . 3.63 11.00 7.16
C2 MLA D . 3.32 8.58 7.46
C3 MLA D . 4.80 8.36 7.33
O3A MLA D . 5.67 9.22 7.84
O3B MLA D . 5.01 7.27 6.59
#